data_4GLP
#
_entry.id   4GLP
#
_cell.length_a   147.520
_cell.length_b   147.520
_cell.length_c   44.070
_cell.angle_alpha   90.000
_cell.angle_beta   90.000
_cell.angle_gamma   120.000
#
_symmetry.space_group_name_H-M   'P 32 2 1'
#
_entity_poly.entity_id   1
_entity_poly.type   'polypeptide(L)'
_entity_poly.pdbx_seq_one_letter_code
;ELDDEDFRCVCNFSEPQPDWSEAFQCVSAVEVEIHAGGLNLEPFLKRVDADADPRQYADTVKALRVRRLTVGAAQVPAQL
LVGALRVLAYSRLKELTLEDLKITGTMPPLPLEATGLALSSLRLRNVSWATGRSWLAELQQWLKPGLKVLSIAQAHSPAF
SCEQVRAFPALTSLDLSDNPGLGERGLMAALCPHKFPAIQNLALRNTGMETPTGVCAALAAAGVQPHSLDLSHNSLRATV
NPSAPRCMWSSALNSLNLSFAGLEQVPKGLPAKLRVLDLSSNRLNRAPQPDELPEVDNLTLDGNPFLVPG
;
_entity_poly.pdbx_strand_id   A
#
# COMPACT_ATOMS: atom_id res chain seq x y z
N GLU A 1 -0.51 -20.64 -18.76
CA GLU A 1 0.55 -21.64 -18.59
C GLU A 1 1.72 -21.05 -17.80
N LEU A 2 2.72 -20.58 -18.53
CA LEU A 2 3.91 -19.98 -17.91
C LEU A 2 4.77 -19.29 -18.97
N ASP A 3 4.44 -18.04 -19.28
CA ASP A 3 5.17 -17.27 -20.28
C ASP A 3 6.12 -16.29 -19.59
N ASP A 4 7.39 -16.33 -19.98
CA ASP A 4 8.36 -15.37 -19.47
C ASP A 4 9.45 -15.08 -20.50
N GLU A 5 9.83 -13.81 -20.60
CA GLU A 5 10.89 -13.43 -21.52
C GLU A 5 12.12 -13.00 -20.74
N ASP A 6 12.85 -13.99 -20.23
CA ASP A 6 14.12 -13.82 -19.52
C ASP A 6 14.18 -12.72 -18.44
N PHE A 7 13.03 -12.39 -17.85
CA PHE A 7 13.00 -11.36 -16.80
C PHE A 7 11.73 -11.38 -15.96
N ARG A 8 10.90 -12.41 -16.13
CA ARG A 8 9.64 -12.45 -15.41
C ARG A 8 9.04 -13.85 -15.31
N CYS A 9 7.71 -13.88 -15.19
CA CYS A 9 6.92 -15.10 -15.11
C CYS A 9 5.46 -14.65 -15.12
N VAL A 10 4.54 -15.61 -15.00
CA VAL A 10 3.11 -15.33 -14.97
C VAL A 10 2.38 -16.47 -14.27
N CYS A 11 2.62 -17.69 -14.76
CA CYS A 11 1.93 -18.87 -14.27
C CYS A 11 0.42 -18.67 -14.23
N ASN A 12 -0.13 -18.11 -15.31
CA ASN A 12 -1.57 -17.87 -15.39
C ASN A 12 -2.28 -19.21 -15.36
N PHE A 13 -3.02 -19.45 -14.29
CA PHE A 13 -3.75 -20.69 -14.16
C PHE A 13 -5.23 -20.44 -14.22
N SER A 14 -5.99 -21.52 -14.03
CA SER A 14 -7.45 -21.49 -14.02
C SER A 14 -8.05 -22.90 -13.95
N GLU A 15 -7.38 -23.87 -14.58
CA GLU A 15 -7.87 -25.25 -14.67
C GLU A 15 -8.27 -25.85 -13.32
N PRO A 16 -9.29 -26.73 -13.30
CA PRO A 16 -9.87 -27.30 -12.07
C PRO A 16 -8.91 -28.14 -11.24
N GLN A 17 -7.71 -28.37 -11.77
CA GLN A 17 -6.68 -29.07 -11.03
C GLN A 17 -5.30 -28.62 -11.51
N PRO A 18 -4.86 -27.45 -11.03
CA PRO A 18 -3.62 -26.78 -11.44
C PRO A 18 -2.40 -27.68 -11.24
N ASP A 19 -1.65 -27.90 -12.31
CA ASP A 19 -0.45 -28.70 -12.22
C ASP A 19 0.75 -27.81 -11.88
N TRP A 20 0.68 -27.10 -10.74
CA TRP A 20 1.76 -26.20 -10.27
C TRP A 20 3.19 -26.62 -10.52
N SER A 21 3.46 -27.91 -10.69
CA SER A 21 4.80 -28.38 -10.96
C SER A 21 5.55 -27.61 -12.08
N GLU A 22 4.87 -27.12 -13.12
CA GLU A 22 5.57 -26.35 -14.17
C GLU A 22 6.19 -25.03 -13.68
N ALA A 23 5.66 -24.50 -12.57
CA ALA A 23 6.20 -23.34 -11.83
C ALA A 23 7.72 -23.20 -11.82
N PHE A 24 8.43 -24.32 -11.62
CA PHE A 24 9.90 -24.32 -11.55
C PHE A 24 10.63 -23.77 -12.76
N GLN A 25 9.90 -23.57 -13.84
CA GLN A 25 10.48 -22.93 -15.00
C GLN A 25 10.97 -21.52 -14.66
N CYS A 26 10.13 -20.73 -14.00
CA CYS A 26 10.47 -19.34 -13.69
C CYS A 26 11.04 -19.17 -12.29
N VAL A 27 11.93 -20.08 -11.90
CA VAL A 27 12.62 -20.00 -10.62
C VAL A 27 13.89 -19.16 -10.80
N SER A 28 14.34 -18.53 -9.73
CA SER A 28 15.52 -17.65 -9.75
C SER A 28 15.39 -16.47 -10.70
N ALA A 29 14.16 -16.14 -11.08
CA ALA A 29 13.93 -14.93 -11.87
C ALA A 29 13.64 -13.82 -10.87
N VAL A 30 13.91 -12.58 -11.24
CA VAL A 30 13.70 -11.46 -10.31
C VAL A 30 12.22 -11.16 -10.08
N GLU A 31 11.48 -10.96 -11.16
CA GLU A 31 10.04 -10.74 -11.07
C GLU A 31 9.29 -12.02 -11.38
N VAL A 32 8.23 -12.26 -10.62
CA VAL A 32 7.44 -13.47 -10.73
C VAL A 32 6.10 -13.30 -10.11
N GLU A 33 5.12 -13.77 -10.84
CA GLU A 33 3.79 -13.67 -10.42
C GLU A 33 3.21 -15.09 -10.49
N ILE A 34 2.15 -15.33 -9.70
CA ILE A 34 1.43 -16.61 -9.67
C ILE A 34 -0.12 -16.41 -9.66
N HIS A 35 -0.75 -16.20 -10.83
CA HIS A 35 -2.22 -16.08 -10.95
C HIS A 35 -2.84 -17.44 -10.58
N ALA A 36 -4.16 -17.54 -10.56
CA ALA A 36 -4.84 -18.77 -10.17
C ALA A 36 -6.29 -18.82 -10.64
N GLY A 37 -6.85 -17.63 -10.89
CA GLY A 37 -8.20 -17.49 -11.40
C GLY A 37 -9.29 -18.14 -10.55
N GLY A 38 -9.71 -17.45 -9.48
CA GLY A 38 -10.76 -17.95 -8.62
C GLY A 38 -10.51 -19.36 -8.12
N LEU A 39 -9.40 -19.55 -7.42
CA LEU A 39 -8.96 -20.87 -6.99
C LEU A 39 -9.28 -21.13 -5.52
N ASN A 40 -9.50 -22.40 -5.20
CA ASN A 40 -9.63 -22.85 -3.81
C ASN A 40 -8.45 -23.72 -3.43
N LEU A 41 -7.54 -23.19 -2.62
CA LEU A 41 -6.30 -23.89 -2.27
C LEU A 41 -6.44 -24.64 -0.94
N GLU A 42 -7.68 -24.99 -0.63
CA GLU A 42 -7.97 -25.72 0.59
C GLU A 42 -7.78 -27.23 0.53
N PRO A 43 -7.85 -27.83 -0.68
CA PRO A 43 -7.42 -29.23 -0.61
C PRO A 43 -5.90 -29.34 -0.77
N PHE A 44 -5.30 -28.44 -1.53
CA PHE A 44 -3.85 -28.38 -1.62
C PHE A 44 -3.31 -28.08 -0.22
N LEU A 45 -2.70 -29.11 0.38
CA LEU A 45 -2.22 -29.04 1.75
C LEU A 45 -0.71 -29.14 1.79
N LYS A 46 -0.17 -30.10 1.05
CA LYS A 46 1.26 -30.33 0.99
C LYS A 46 1.95 -29.21 0.23
N ARG A 47 3.26 -29.05 0.36
CA ARG A 47 4.11 -29.80 1.30
C ARG A 47 4.18 -29.13 2.67
N VAL A 48 4.32 -27.81 2.62
CA VAL A 48 4.60 -26.96 3.78
C VAL A 48 3.79 -27.27 5.07
N ASP A 49 4.24 -28.26 5.81
CA ASP A 49 3.71 -28.53 7.16
C ASP A 49 4.76 -29.38 7.87
N ALA A 50 6.00 -29.05 7.54
CA ALA A 50 7.22 -29.59 8.11
C ALA A 50 8.26 -28.71 7.45
N ASP A 51 8.05 -27.40 7.62
CA ASP A 51 8.40 -26.36 6.65
C ASP A 51 9.81 -25.76 6.68
N ALA A 52 10.29 -25.41 7.86
CA ALA A 52 11.49 -24.56 8.01
C ALA A 52 12.77 -25.07 7.35
N ASP A 53 13.72 -25.53 8.16
CA ASP A 53 15.03 -25.96 7.66
C ASP A 53 15.30 -27.47 7.80
N PRO A 54 15.06 -28.22 6.73
CA PRO A 54 15.50 -29.62 6.67
C PRO A 54 16.78 -29.69 5.85
N ARG A 55 17.16 -30.89 5.42
CA ARG A 55 18.36 -31.04 4.60
C ARG A 55 17.98 -31.11 3.12
N GLN A 56 16.78 -30.62 2.80
CA GLN A 56 16.26 -30.73 1.44
C GLN A 56 15.59 -29.44 0.98
N TYR A 57 14.82 -28.82 1.87
CA TYR A 57 14.04 -27.63 1.54
C TYR A 57 14.52 -26.44 2.34
N ALA A 58 15.82 -26.17 2.28
CA ALA A 58 16.40 -25.10 3.10
C ALA A 58 17.51 -24.33 2.39
N ASP A 59 18.53 -25.05 1.93
CA ASP A 59 19.68 -24.40 1.32
C ASP A 59 19.47 -24.18 -0.17
N THR A 60 18.36 -24.69 -0.69
CA THR A 60 18.00 -24.50 -2.09
C THR A 60 17.63 -23.04 -2.34
N VAL A 61 17.36 -22.32 -1.25
CA VAL A 61 17.00 -20.92 -1.32
C VAL A 61 17.98 -20.04 -0.55
N LYS A 62 19.17 -20.58 -0.28
CA LYS A 62 20.21 -19.81 0.40
C LYS A 62 20.54 -18.56 -0.42
N ALA A 63 20.35 -18.67 -1.73
CA ALA A 63 20.51 -17.54 -2.63
C ALA A 63 19.77 -17.81 -3.94
N LEU A 64 18.56 -17.26 -4.06
CA LEU A 64 17.75 -17.47 -5.25
C LEU A 64 17.16 -16.15 -5.73
N ARG A 65 17.92 -15.46 -6.58
CA ARG A 65 17.60 -14.09 -7.04
C ARG A 65 16.16 -13.88 -7.47
N VAL A 66 15.25 -14.03 -6.53
CA VAL A 66 13.85 -13.71 -6.75
C VAL A 66 13.47 -12.55 -5.82
N ARG A 67 13.54 -11.34 -6.35
CA ARG A 67 13.43 -10.15 -5.52
C ARG A 67 12.01 -9.64 -5.49
N ARG A 68 11.23 -9.98 -6.50
CA ARG A 68 9.90 -9.42 -6.60
C ARG A 68 8.85 -10.50 -6.80
N LEU A 69 8.00 -10.71 -5.81
CA LEU A 69 6.97 -11.74 -5.92
C LEU A 69 5.53 -11.22 -5.95
N THR A 70 4.71 -11.78 -6.83
CA THR A 70 3.31 -11.39 -6.88
C THR A 70 2.49 -12.68 -6.82
N VAL A 71 1.40 -12.69 -6.07
CA VAL A 71 0.54 -13.86 -5.94
C VAL A 71 -0.90 -13.39 -5.97
N GLY A 72 -1.51 -13.36 -7.15
CA GLY A 72 -2.74 -12.60 -7.31
C GLY A 72 -4.01 -13.23 -7.86
N ALA A 73 -4.54 -14.24 -7.18
CA ALA A 73 -5.85 -14.80 -7.53
C ALA A 73 -6.35 -15.88 -6.56
N ALA A 74 -5.42 -16.67 -6.04
CA ALA A 74 -5.75 -17.82 -5.20
C ALA A 74 -6.46 -17.46 -3.89
N GLN A 75 -6.77 -18.50 -3.13
CA GLN A 75 -7.41 -18.36 -1.82
C GLN A 75 -6.63 -19.21 -0.83
N VAL A 76 -5.81 -18.57 0.00
CA VAL A 76 -4.88 -19.31 0.84
C VAL A 76 -5.30 -19.35 2.29
N PRO A 77 -5.35 -20.54 2.89
CA PRO A 77 -5.51 -20.64 4.34
C PRO A 77 -4.26 -20.10 5.02
N ALA A 78 -4.44 -19.46 6.18
CA ALA A 78 -3.34 -18.82 6.87
C ALA A 78 -2.30 -19.82 7.35
N GLN A 79 -2.72 -21.07 7.50
CA GLN A 79 -1.85 -22.11 8.03
C GLN A 79 -0.66 -22.38 7.11
N LEU A 80 -0.78 -21.99 5.85
CA LEU A 80 0.26 -22.24 4.85
C LEU A 80 0.91 -20.98 4.29
N LEU A 81 0.11 -19.95 4.06
CA LEU A 81 0.61 -18.70 3.52
C LEU A 81 1.81 -18.25 4.33
N VAL A 82 1.63 -18.23 5.65
CA VAL A 82 2.70 -17.99 6.60
C VAL A 82 3.90 -18.90 6.32
N GLY A 83 3.59 -20.16 5.99
CA GLY A 83 4.62 -21.10 5.56
C GLY A 83 5.41 -20.55 4.39
N ALA A 84 4.72 -20.08 3.35
CA ALA A 84 5.41 -19.55 2.18
C ALA A 84 6.29 -18.37 2.61
N LEU A 85 5.77 -17.55 3.51
CA LEU A 85 6.52 -16.42 4.02
C LEU A 85 7.81 -16.90 4.71
N ARG A 86 7.66 -17.86 5.62
CA ARG A 86 8.79 -18.41 6.38
C ARG A 86 9.94 -19.02 5.59
N VAL A 87 9.63 -19.83 4.57
CA VAL A 87 10.67 -20.46 3.74
C VAL A 87 11.48 -19.35 3.07
N LEU A 88 10.78 -18.41 2.47
CA LEU A 88 11.38 -17.28 1.77
C LEU A 88 12.27 -16.40 2.62
N ALA A 89 11.98 -16.35 3.92
CA ALA A 89 12.83 -15.61 4.86
C ALA A 89 14.29 -15.98 4.66
N TYR A 90 14.55 -17.24 4.34
CA TYR A 90 15.88 -17.70 3.96
C TYR A 90 16.35 -17.02 2.68
N SER A 91 15.45 -17.01 1.69
CA SER A 91 15.77 -16.52 0.35
C SER A 91 16.06 -15.03 0.29
N ARG A 92 16.34 -14.55 -0.92
CA ARG A 92 16.52 -13.14 -1.16
C ARG A 92 15.31 -12.58 -1.85
N LEU A 93 14.32 -12.16 -1.07
CA LEU A 93 13.11 -11.55 -1.63
C LEU A 93 12.89 -10.21 -0.94
N LYS A 94 12.35 -9.24 -1.67
CA LYS A 94 12.16 -7.89 -1.13
C LYS A 94 10.72 -7.42 -1.23
N GLU A 95 10.15 -7.47 -2.43
CA GLU A 95 8.79 -7.01 -2.57
C GLU A 95 7.83 -8.18 -2.71
N LEU A 96 6.83 -8.17 -1.84
CA LEU A 96 5.78 -9.17 -1.83
C LEU A 96 4.48 -8.50 -2.17
N THR A 97 3.64 -9.16 -2.96
CA THR A 97 2.35 -8.61 -3.37
C THR A 97 1.24 -9.67 -3.47
N LEU A 98 0.27 -9.53 -2.58
CA LEU A 98 -0.99 -10.29 -2.58
C LEU A 98 -2.05 -9.43 -3.26
N GLU A 99 -2.87 -10.08 -4.09
CA GLU A 99 -3.87 -9.35 -4.84
C GLU A 99 -5.09 -10.22 -5.16
N ASP A 100 -6.23 -9.77 -4.65
CA ASP A 100 -7.51 -10.46 -4.80
C ASP A 100 -7.51 -11.88 -4.23
N LEU A 101 -7.22 -12.00 -2.93
CA LEU A 101 -7.22 -13.28 -2.26
C LEU A 101 -8.38 -13.39 -1.26
N LYS A 102 -8.23 -14.31 -0.32
CA LYS A 102 -9.18 -14.49 0.77
C LYS A 102 -8.59 -15.46 1.79
N ILE A 103 -7.86 -14.93 2.75
CA ILE A 103 -7.20 -15.76 3.75
C ILE A 103 -8.18 -16.34 4.76
N THR A 104 -8.15 -17.66 4.92
CA THR A 104 -9.02 -18.33 5.87
C THR A 104 -8.23 -18.87 7.06
N GLY A 105 -8.88 -19.73 7.83
CA GLY A 105 -8.24 -20.34 8.98
C GLY A 105 -7.90 -19.30 10.02
N THR A 106 -6.81 -19.53 10.72
CA THR A 106 -6.38 -18.59 11.75
C THR A 106 -4.88 -18.71 11.96
N MET A 107 -4.22 -17.56 11.98
CA MET A 107 -2.78 -17.47 11.94
C MET A 107 -2.14 -17.92 13.25
N PRO A 108 -1.14 -18.81 13.13
CA PRO A 108 -0.41 -19.43 14.24
C PRO A 108 0.65 -18.52 14.85
N PRO A 109 0.89 -18.67 16.15
CA PRO A 109 1.95 -18.00 16.90
C PRO A 109 3.31 -18.51 16.45
N LEU A 110 4.36 -17.72 16.66
CA LEU A 110 5.69 -18.14 16.25
C LEU A 110 6.56 -18.58 17.44
N PRO A 111 7.23 -19.74 17.28
CA PRO A 111 8.16 -20.35 18.25
C PRO A 111 9.35 -19.46 18.65
N LEU A 112 10.50 -19.72 18.02
CA LEU A 112 11.77 -18.98 18.17
C LEU A 112 11.67 -17.46 17.92
N GLU A 113 12.77 -16.84 17.51
CA GLU A 113 12.77 -15.41 17.29
C GLU A 113 12.30 -15.06 15.87
N ALA A 114 12.48 -13.80 15.48
CA ALA A 114 12.15 -13.28 14.15
C ALA A 114 12.58 -14.15 12.98
N THR A 115 11.83 -15.21 12.70
CA THR A 115 12.08 -16.02 11.50
C THR A 115 11.62 -15.32 10.26
N GLY A 116 11.14 -14.10 10.41
CA GLY A 116 10.53 -13.38 9.31
C GLY A 116 11.48 -12.98 8.20
N LEU A 117 10.95 -12.16 7.30
CA LEU A 117 11.69 -11.72 6.14
C LEU A 117 11.75 -10.22 6.01
N ALA A 118 12.84 -9.78 5.43
CA ALA A 118 13.13 -8.38 5.15
C ALA A 118 12.36 -7.78 3.98
N LEU A 119 11.05 -7.83 4.09
CA LEU A 119 10.20 -7.38 3.04
C LEU A 119 10.54 -5.93 2.82
N SER A 120 10.35 -5.47 1.60
CA SER A 120 10.74 -4.13 1.26
C SER A 120 9.51 -3.30 1.01
N SER A 121 8.74 -3.69 0.00
CA SER A 121 7.60 -2.90 -0.42
C SER A 121 6.33 -3.74 -0.50
N LEU A 122 5.90 -4.25 0.64
CA LEU A 122 4.73 -5.12 0.69
C LEU A 122 3.47 -4.36 0.29
N ARG A 123 2.75 -4.89 -0.70
CA ARG A 123 1.53 -4.26 -1.17
C ARG A 123 0.33 -5.21 -1.06
N LEU A 124 -0.86 -4.63 -0.96
CA LEU A 124 -2.08 -5.39 -0.73
C LEU A 124 -3.26 -4.82 -1.50
N ARG A 125 -4.01 -5.68 -2.20
CA ARG A 125 -5.18 -5.20 -2.91
C ARG A 125 -6.33 -6.21 -2.86
N ASN A 126 -7.46 -5.80 -2.30
CA ASN A 126 -8.67 -6.63 -2.21
C ASN A 126 -8.50 -7.89 -1.36
N VAL A 127 -7.40 -7.95 -0.61
CA VAL A 127 -7.12 -9.09 0.25
C VAL A 127 -7.97 -9.06 1.51
N SER A 128 -8.71 -10.14 1.75
CA SER A 128 -9.53 -10.24 2.94
C SER A 128 -8.95 -11.32 3.87
N TRP A 129 -9.14 -11.14 5.17
CA TRP A 129 -8.51 -11.99 6.17
C TRP A 129 -9.53 -12.67 7.08
N ALA A 130 -9.06 -13.11 8.25
CA ALA A 130 -9.92 -13.80 9.20
C ALA A 130 -10.35 -12.85 10.32
N THR A 131 -9.48 -12.65 11.30
CA THR A 131 -9.75 -11.70 12.38
C THR A 131 -9.54 -10.30 11.80
N GLY A 132 -10.51 -9.87 11.00
CA GLY A 132 -10.41 -8.68 10.17
C GLY A 132 -9.93 -7.43 10.85
N ARG A 133 -10.45 -7.13 12.04
CA ARG A 133 -10.02 -5.96 12.79
C ARG A 133 -8.52 -5.98 13.04
N SER A 134 -7.94 -7.17 13.13
CA SER A 134 -6.51 -7.28 13.34
C SER A 134 -5.88 -8.28 12.39
N TRP A 135 -5.49 -7.81 11.22
CA TRP A 135 -4.63 -8.56 10.30
C TRP A 135 -3.19 -8.06 10.14
N LEU A 136 -2.93 -6.76 10.14
CA LEU A 136 -1.55 -6.27 10.01
C LEU A 136 -0.68 -6.66 11.20
N ALA A 137 -1.23 -6.44 12.39
CA ALA A 137 -0.54 -6.73 13.63
C ALA A 137 -0.14 -8.19 13.71
N GLU A 138 -1.02 -9.07 13.27
CA GLU A 138 -0.74 -10.48 13.33
C GLU A 138 0.29 -10.85 12.27
N LEU A 139 0.13 -10.26 11.09
CA LEU A 139 1.02 -10.45 9.96
C LEU A 139 2.43 -9.93 10.24
N GLN A 140 2.53 -8.87 11.04
CA GLN A 140 3.81 -8.27 11.40
C GLN A 140 4.74 -9.25 12.08
N GLN A 141 4.17 -10.20 12.80
CA GLN A 141 4.93 -11.19 13.54
C GLN A 141 5.86 -12.01 12.66
N TRP A 142 5.61 -12.00 11.36
CA TRP A 142 6.44 -12.75 10.42
C TRP A 142 7.23 -11.84 9.48
N LEU A 143 7.08 -10.54 9.62
CA LEU A 143 7.90 -9.61 8.87
C LEU A 143 9.07 -9.12 9.69
N LYS A 144 10.20 -8.93 9.02
CA LYS A 144 11.34 -8.37 9.70
C LYS A 144 11.02 -6.89 9.85
N PRO A 145 11.55 -6.26 10.90
CA PRO A 145 11.23 -4.86 11.20
C PRO A 145 11.43 -3.95 9.98
N GLY A 146 12.52 -4.18 9.26
CA GLY A 146 12.85 -3.40 8.08
C GLY A 146 11.77 -3.45 7.00
N LEU A 147 10.96 -2.41 6.95
CA LEU A 147 9.90 -2.26 5.97
C LEU A 147 9.99 -0.83 5.48
N LYS A 148 9.99 -0.65 4.16
CA LYS A 148 10.13 0.66 3.58
C LYS A 148 8.82 1.20 3.02
N VAL A 149 8.06 0.35 2.35
CA VAL A 149 6.87 0.80 1.61
C VAL A 149 5.60 -0.03 1.79
N LEU A 150 4.54 0.64 2.27
CA LEU A 150 3.18 0.05 2.46
C LEU A 150 2.05 0.61 1.65
N SER A 151 1.60 -0.23 0.77
CA SER A 151 0.46 0.08 -0.02
C SER A 151 -0.68 -0.84 0.42
N ILE A 152 -1.82 -0.28 0.79
CA ILE A 152 -2.96 -1.10 1.19
C ILE A 152 -4.17 -0.61 0.43
N ALA A 153 -4.67 -1.41 -0.49
CA ALA A 153 -5.85 -1.04 -1.26
C ALA A 153 -6.99 -2.02 -1.01
N GLN A 154 -8.22 -1.50 -1.02
CA GLN A 154 -9.44 -2.32 -0.85
C GLN A 154 -9.54 -3.08 0.49
N ALA A 155 -10.77 -3.37 0.92
CA ALA A 155 -11.00 -4.12 2.16
C ALA A 155 -12.46 -4.54 2.32
N HIS A 156 -12.89 -4.70 3.57
CA HIS A 156 -14.30 -4.95 3.92
C HIS A 156 -14.64 -4.12 5.15
N SER A 157 -13.85 -4.28 6.20
CA SER A 157 -14.01 -3.50 7.41
C SER A 157 -12.68 -2.83 7.68
N PRO A 158 -12.37 -1.78 6.88
CA PRO A 158 -11.06 -1.14 6.69
C PRO A 158 -10.16 -1.20 7.92
N ALA A 159 -10.75 -0.88 9.07
CA ALA A 159 -10.02 -0.69 10.32
C ALA A 159 -9.11 -1.83 10.75
N PHE A 160 -8.07 -1.45 11.48
CA PHE A 160 -7.20 -2.40 12.12
C PHE A 160 -6.82 -1.91 13.50
N SER A 161 -6.41 -2.83 14.33
CA SER A 161 -6.21 -2.52 15.72
C SER A 161 -4.85 -1.90 15.95
N CYS A 162 -4.72 -0.62 15.65
CA CYS A 162 -3.46 0.10 15.79
C CYS A 162 -2.92 0.21 17.21
N GLU A 163 -3.04 -0.87 17.99
CA GLU A 163 -2.64 -0.86 19.39
C GLU A 163 -1.66 -2.00 19.75
N GLN A 164 -1.73 -3.14 19.06
CA GLN A 164 -0.70 -4.19 19.21
C GLN A 164 0.21 -4.19 18.00
N VAL A 165 0.05 -3.20 17.14
CA VAL A 165 0.92 -3.04 15.99
C VAL A 165 2.26 -2.58 16.56
N ARG A 166 3.36 -3.16 16.11
CA ARG A 166 4.68 -2.89 16.68
C ARG A 166 5.61 -2.10 15.74
N ALA A 167 6.18 -0.99 16.24
CA ALA A 167 7.34 -0.32 15.61
C ALA A 167 7.19 0.42 14.28
N PHE A 168 7.12 -0.32 13.17
CA PHE A 168 7.32 0.24 11.83
C PHE A 168 8.42 1.32 11.83
N PRO A 169 9.67 0.88 12.02
CA PRO A 169 10.80 1.76 12.30
C PRO A 169 11.10 2.69 11.15
N ALA A 170 10.96 2.18 9.93
CA ALA A 170 11.37 2.91 8.75
C ALA A 170 10.38 2.86 7.58
N LEU A 171 9.08 2.74 7.89
CA LEU A 171 8.06 2.71 6.84
C LEU A 171 8.03 4.05 6.09
N THR A 172 8.95 4.23 5.14
CA THR A 172 9.14 5.52 4.46
C THR A 172 7.88 6.03 3.78
N SER A 173 7.38 5.25 2.83
CA SER A 173 6.15 5.62 2.14
C SER A 173 4.98 4.88 2.75
N LEU A 174 3.79 5.25 2.29
CA LEU A 174 2.57 4.64 2.77
C LEU A 174 1.44 4.91 1.80
N ASP A 175 0.91 3.86 1.19
CA ASP A 175 -0.14 4.07 0.22
C ASP A 175 -1.48 3.47 0.69
N LEU A 176 -2.44 4.32 1.00
CA LEU A 176 -3.77 3.86 1.35
C LEU A 176 -4.76 4.18 0.25
N SER A 177 -4.29 4.18 -0.99
CA SER A 177 -5.16 4.52 -2.12
C SER A 177 -6.20 3.46 -2.45
N ASP A 178 -7.24 3.89 -3.15
CA ASP A 178 -8.33 3.03 -3.58
C ASP A 178 -9.13 2.41 -2.44
N ASN A 179 -9.60 3.26 -1.54
CA ASN A 179 -10.49 2.84 -0.47
C ASN A 179 -11.63 3.85 -0.37
N PRO A 180 -12.45 3.96 -1.43
CA PRO A 180 -13.55 4.94 -1.45
C PRO A 180 -14.51 4.80 -0.26
N GLY A 181 -14.04 5.15 0.92
CA GLY A 181 -14.81 5.00 2.14
C GLY A 181 -13.92 5.07 3.37
N LEU A 182 -12.76 5.67 3.20
CA LEU A 182 -11.86 5.89 4.32
C LEU A 182 -12.27 7.17 5.04
N GLY A 183 -12.13 8.31 4.35
CA GLY A 183 -12.53 9.60 4.91
C GLY A 183 -11.52 10.19 5.88
N GLU A 184 -11.68 11.47 6.24
CA GLU A 184 -10.76 12.15 7.15
C GLU A 184 -10.86 11.44 8.51
N ARG A 185 -12.07 11.11 8.99
CA ARG A 185 -12.07 10.37 10.25
C ARG A 185 -11.50 9.00 10.11
N GLY A 186 -11.83 8.23 9.10
CA GLY A 186 -11.20 6.94 8.96
C GLY A 186 -9.69 7.05 8.88
N LEU A 187 -9.21 8.18 8.36
CA LEU A 187 -7.78 8.40 8.23
C LEU A 187 -7.04 8.48 9.57
N MET A 188 -7.57 9.27 10.50
CA MET A 188 -6.96 9.42 11.82
C MET A 188 -6.92 8.08 12.55
N ALA A 189 -7.91 7.24 12.29
CA ALA A 189 -7.97 5.92 12.88
C ALA A 189 -7.28 4.90 11.98
N ALA A 190 -6.56 5.39 10.97
CA ALA A 190 -5.78 4.52 10.11
C ALA A 190 -4.31 4.54 10.54
N LEU A 191 -3.65 5.68 10.36
CA LEU A 191 -2.26 5.80 10.78
C LEU A 191 -2.13 6.06 12.28
N CYS A 192 -2.07 4.96 13.02
CA CYS A 192 -1.92 4.93 14.47
C CYS A 192 -0.86 5.90 14.99
N PRO A 193 -1.15 6.52 16.15
CA PRO A 193 -0.18 7.55 16.56
C PRO A 193 1.09 6.93 17.10
N HIS A 194 2.16 7.70 17.22
CA HIS A 194 3.44 7.17 17.72
C HIS A 194 3.86 5.85 17.06
N LYS A 195 3.11 5.49 16.03
CA LYS A 195 3.46 4.42 15.13
C LYS A 195 3.57 5.09 13.76
N PHE A 196 4.24 4.46 12.79
CA PHE A 196 4.60 5.12 11.52
C PHE A 196 5.33 6.42 11.87
N PRO A 197 6.40 6.34 12.67
CA PRO A 197 7.02 7.59 13.08
C PRO A 197 7.63 8.37 11.92
N ALA A 198 8.26 7.65 10.99
CA ALA A 198 8.96 8.26 9.87
C ALA A 198 8.24 7.98 8.56
N ILE A 199 7.51 8.98 8.06
CA ILE A 199 6.79 8.86 6.80
C ILE A 199 7.18 9.97 5.83
N GLN A 200 7.78 9.62 4.70
CA GLN A 200 8.14 10.63 3.70
C GLN A 200 7.04 10.85 2.65
N ASN A 201 7.16 10.14 1.52
CA ASN A 201 6.09 10.13 0.52
C ASN A 201 4.88 9.54 1.18
N LEU A 202 3.69 9.97 0.78
CA LEU A 202 2.51 9.48 1.48
C LEU A 202 1.38 9.51 0.49
N ALA A 203 0.88 8.37 0.01
CA ALA A 203 -0.23 8.47 -0.95
C ALA A 203 -1.60 8.26 -0.30
N LEU A 204 -2.50 9.23 -0.48
CA LEU A 204 -3.86 9.11 0.04
C LEU A 204 -4.85 9.46 -1.06
N ARG A 205 -4.81 8.70 -2.14
CA ARG A 205 -5.60 9.00 -3.33
C ARG A 205 -7.11 8.90 -3.14
N ASN A 206 -7.74 8.06 -3.95
CA ASN A 206 -9.18 7.89 -3.91
C ASN A 206 -9.64 7.28 -2.59
N THR A 207 -9.66 8.10 -1.55
CA THR A 207 -10.15 7.67 -0.24
C THR A 207 -11.45 8.39 0.11
N GLY A 208 -11.98 9.13 -0.85
CA GLY A 208 -13.26 9.79 -0.70
C GLY A 208 -13.27 10.87 0.36
N MET A 209 -12.35 11.82 0.26
CA MET A 209 -12.32 12.91 1.20
C MET A 209 -12.66 14.23 0.51
N GLU A 210 -12.66 15.30 1.27
CA GLU A 210 -13.08 16.60 0.75
C GLU A 210 -11.99 17.65 0.77
N THR A 211 -12.05 18.49 1.78
CA THR A 211 -11.14 19.62 1.88
C THR A 211 -9.79 19.23 2.49
N PRO A 212 -8.72 19.89 2.02
CA PRO A 212 -7.36 19.70 2.55
C PRO A 212 -7.23 20.05 4.02
N THR A 213 -7.94 21.08 4.47
CA THR A 213 -7.83 21.58 5.83
C THR A 213 -8.03 20.48 6.89
N GLY A 214 -8.96 19.58 6.62
CA GLY A 214 -9.23 18.44 7.48
C GLY A 214 -8.02 17.55 7.57
N VAL A 215 -7.38 17.34 6.43
CA VAL A 215 -6.19 16.52 6.32
C VAL A 215 -5.05 17.19 7.07
N CYS A 216 -4.98 18.52 6.97
CA CYS A 216 -3.94 19.26 7.68
C CYS A 216 -4.08 19.01 9.17
N ALA A 217 -5.27 19.28 9.70
CA ALA A 217 -5.57 19.02 11.10
C ALA A 217 -5.40 17.56 11.47
N ALA A 218 -5.83 16.64 10.60
CA ALA A 218 -5.82 15.23 10.99
C ALA A 218 -4.39 14.69 11.12
N LEU A 219 -3.48 15.11 10.25
CA LEU A 219 -2.11 14.63 10.37
C LEU A 219 -1.49 15.23 11.63
N ALA A 220 -1.84 16.46 11.95
CA ALA A 220 -1.25 17.08 13.14
C ALA A 220 -1.86 16.41 14.36
N ALA A 221 -3.15 16.11 14.30
CA ALA A 221 -3.86 15.44 15.39
C ALA A 221 -3.27 14.04 15.60
N ALA A 222 -2.92 13.37 14.51
CA ALA A 222 -2.37 12.02 14.58
C ALA A 222 -0.97 12.04 15.18
N GLY A 223 0.04 12.23 14.32
CA GLY A 223 1.41 12.29 14.81
C GLY A 223 2.43 11.94 13.73
N VAL A 224 2.30 12.59 12.58
CA VAL A 224 3.17 12.33 11.44
C VAL A 224 3.53 13.64 10.73
N GLN A 225 4.72 13.64 10.12
CA GLN A 225 5.16 14.77 9.32
C GLN A 225 5.59 14.26 7.94
N PRO A 226 4.71 14.40 6.93
CA PRO A 226 4.91 13.85 5.59
C PRO A 226 5.79 14.74 4.72
N HIS A 227 6.28 14.19 3.62
CA HIS A 227 7.04 14.95 2.64
C HIS A 227 6.17 15.23 1.42
N SER A 228 6.08 14.24 0.54
CA SER A 228 5.15 14.30 -0.59
C SER A 228 3.78 13.88 -0.10
N LEU A 229 2.73 14.16 -0.86
CA LEU A 229 1.43 13.86 -0.36
C LEU A 229 0.52 13.73 -1.60
N ASP A 230 -0.10 12.58 -1.92
CA ASP A 230 -0.92 12.55 -3.15
C ASP A 230 -2.39 12.45 -2.80
N LEU A 231 -3.25 13.28 -3.42
CA LEU A 231 -4.71 13.23 -3.22
C LEU A 231 -5.46 13.07 -4.54
N SER A 232 -4.72 12.68 -5.58
CA SER A 232 -5.16 12.75 -6.97
C SER A 232 -6.49 12.11 -7.41
N HIS A 233 -7.46 11.94 -6.52
CA HIS A 233 -8.74 11.34 -6.96
C HIS A 233 -9.95 11.53 -6.04
N ASN A 234 -10.04 12.68 -5.38
CA ASN A 234 -11.15 12.91 -4.48
C ASN A 234 -12.12 14.00 -4.96
N SER A 235 -13.27 14.10 -4.31
CA SER A 235 -14.28 15.12 -4.63
C SER A 235 -13.99 16.34 -3.78
N LEU A 236 -13.04 17.15 -4.22
CA LEU A 236 -12.60 18.28 -3.43
C LEU A 236 -13.50 19.51 -3.51
N ARG A 237 -13.50 20.27 -2.44
CA ARG A 237 -14.32 21.46 -2.30
C ARG A 237 -13.48 22.68 -2.00
N ALA A 238 -14.14 23.78 -1.65
CA ALA A 238 -13.45 25.00 -1.24
C ALA A 238 -14.29 25.87 -0.29
N THR A 239 -13.98 25.79 1.01
CA THR A 239 -14.68 26.56 2.04
C THR A 239 -13.75 26.83 3.22
N VAL A 240 -14.29 27.50 4.24
CA VAL A 240 -13.62 27.65 5.52
C VAL A 240 -14.32 26.78 6.57
N ASN A 241 -15.19 25.89 6.10
CA ASN A 241 -15.93 24.99 6.98
C ASN A 241 -15.07 24.43 8.12
N PRO A 242 -15.58 24.57 9.35
CA PRO A 242 -14.94 24.31 10.64
C PRO A 242 -13.96 23.12 10.67
N SER A 243 -12.71 23.40 11.05
CA SER A 243 -12.27 24.75 11.38
C SER A 243 -10.86 24.99 10.85
N ALA A 244 -10.38 26.23 11.00
CA ALA A 244 -9.03 26.59 10.57
C ALA A 244 -8.64 27.93 11.16
N PRO A 245 -8.31 27.96 12.46
CA PRO A 245 -7.85 29.22 13.04
C PRO A 245 -6.52 29.64 12.41
N ARG A 246 -5.73 28.62 12.10
CA ARG A 246 -4.51 28.70 11.31
C ARG A 246 -4.09 27.26 11.07
N CYS A 247 -4.55 26.68 9.97
CA CYS A 247 -4.30 25.27 9.66
C CYS A 247 -2.82 24.92 9.75
N MET A 248 -2.48 24.26 10.85
CA MET A 248 -1.11 23.86 11.17
C MET A 248 -0.48 22.98 10.09
N TRP A 249 -0.30 23.52 8.89
CA TRP A 249 0.29 22.72 7.83
C TRP A 249 1.69 22.30 8.17
N SER A 250 2.02 21.07 7.78
CA SER A 250 3.23 20.43 8.25
C SER A 250 4.48 21.01 7.59
N SER A 251 4.66 22.32 7.79
CA SER A 251 5.89 23.07 7.47
C SER A 251 6.75 22.49 6.36
N ALA A 252 7.45 21.42 6.68
CA ALA A 252 8.36 20.76 5.75
C ALA A 252 7.62 19.93 4.70
N LEU A 253 6.29 19.99 4.71
CA LEU A 253 5.49 19.34 3.68
C LEU A 253 5.93 19.85 2.31
N ASN A 254 5.99 18.95 1.33
CA ASN A 254 6.47 19.34 0.00
C ASN A 254 5.49 19.07 -1.15
N SER A 255 5.96 18.30 -2.14
CA SER A 255 5.17 17.91 -3.32
C SER A 255 3.73 17.48 -3.09
N LEU A 256 2.75 18.22 -3.62
CA LEU A 256 1.32 17.96 -3.47
C LEU A 256 0.66 17.71 -4.85
N ASN A 257 -0.10 16.61 -4.96
CA ASN A 257 -0.82 16.29 -6.21
C ASN A 257 -2.32 16.41 -6.06
N LEU A 258 -2.92 17.23 -6.92
CA LEU A 258 -4.36 17.38 -6.91
C LEU A 258 -4.97 17.13 -8.29
N SER A 259 -4.29 16.33 -9.10
CA SER A 259 -4.75 16.04 -10.46
C SER A 259 -5.98 15.12 -10.49
N PHE A 260 -6.84 15.32 -11.48
CA PHE A 260 -8.02 14.47 -11.68
C PHE A 260 -9.01 14.50 -10.53
N ALA A 261 -9.82 15.56 -10.49
CA ALA A 261 -10.77 15.73 -9.41
C ALA A 261 -11.96 16.58 -9.83
N GLY A 262 -12.86 16.84 -8.88
CA GLY A 262 -14.00 17.69 -9.10
C GLY A 262 -13.69 19.09 -8.64
N LEU A 263 -12.41 19.46 -8.79
CA LEU A 263 -11.91 20.74 -8.32
C LEU A 263 -12.54 21.88 -9.07
N GLU A 264 -13.20 22.70 -8.30
CA GLU A 264 -13.96 23.76 -8.85
C GLU A 264 -13.07 25.06 -8.82
N GLN A 265 -12.91 25.73 -7.67
CA GLN A 265 -11.88 26.78 -7.46
C GLN A 265 -10.83 26.25 -6.50
N VAL A 266 -9.64 26.84 -6.50
CA VAL A 266 -8.62 26.45 -5.54
C VAL A 266 -9.08 26.75 -4.12
N PRO A 267 -8.97 25.76 -3.22
CA PRO A 267 -9.42 25.89 -1.82
C PRO A 267 -8.48 26.73 -0.94
N LYS A 268 -8.70 26.63 0.37
CA LYS A 268 -7.91 27.31 1.39
C LYS A 268 -7.01 26.31 2.15
N GLY A 269 -6.10 26.83 2.96
CA GLY A 269 -5.17 26.00 3.72
C GLY A 269 -4.06 25.42 2.85
N LEU A 270 -3.49 26.25 2.01
CA LEU A 270 -2.43 25.84 1.10
C LEU A 270 -1.16 26.52 1.56
N PRO A 271 -0.21 25.75 2.11
CA PRO A 271 1.02 26.36 2.62
C PRO A 271 1.83 26.97 1.48
N ALA A 272 2.54 28.05 1.77
CA ALA A 272 3.27 28.81 0.74
C ALA A 272 4.58 28.17 0.31
N LYS A 273 4.88 26.99 0.84
CA LYS A 273 6.15 26.35 0.55
C LYS A 273 5.95 24.91 0.11
N LEU A 274 6.60 24.55 -0.99
CA LEU A 274 6.51 23.21 -1.54
C LEU A 274 7.84 22.83 -2.18
N ARG A 275 7.73 22.09 -3.29
CA ARG A 275 8.87 21.78 -4.14
C ARG A 275 8.36 21.54 -5.56
N VAL A 276 7.29 20.76 -5.65
CA VAL A 276 6.59 20.45 -6.91
C VAL A 276 5.08 20.35 -6.64
N LEU A 277 4.26 20.89 -7.53
CA LEU A 277 2.79 20.88 -7.43
C LEU A 277 2.16 20.50 -8.76
N ASP A 278 1.62 19.28 -8.81
CA ASP A 278 0.95 18.78 -10.00
C ASP A 278 -0.52 19.10 -9.85
N LEU A 279 -1.20 19.34 -10.97
CA LEU A 279 -2.58 19.80 -10.90
C LEU A 279 -3.34 19.66 -12.21
N SER A 280 -2.89 18.80 -13.10
CA SER A 280 -3.50 18.72 -14.43
C SER A 280 -4.92 18.17 -14.39
N SER A 281 -5.61 18.24 -15.53
CA SER A 281 -6.94 17.64 -15.71
C SER A 281 -7.94 18.10 -14.67
N ASN A 282 -8.11 19.40 -14.55
CA ASN A 282 -9.05 19.97 -13.60
C ASN A 282 -10.10 20.81 -14.32
N ARG A 283 -10.99 21.40 -13.54
CA ARG A 283 -12.02 22.29 -14.06
C ARG A 283 -11.86 23.64 -13.36
N LEU A 284 -10.86 24.42 -13.79
CA LEU A 284 -10.52 25.66 -13.11
C LEU A 284 -10.89 26.94 -13.85
N ASN A 285 -10.64 28.07 -13.20
CA ASN A 285 -10.98 29.37 -13.75
C ASN A 285 -9.84 30.39 -13.63
N ARG A 286 -9.02 30.45 -14.69
CA ARG A 286 -8.01 31.48 -14.89
C ARG A 286 -7.11 31.79 -13.70
N ALA A 287 -7.42 32.88 -13.02
CA ALA A 287 -6.51 33.60 -12.12
C ALA A 287 -5.70 32.78 -11.10
N PRO A 288 -4.43 33.18 -10.93
CA PRO A 288 -3.47 32.75 -9.92
C PRO A 288 -3.29 33.79 -8.81
N GLN A 289 -4.38 34.19 -8.15
CA GLN A 289 -4.30 35.20 -7.10
C GLN A 289 -3.73 34.59 -5.84
N PRO A 290 -3.02 35.39 -5.03
CA PRO A 290 -2.54 34.97 -3.71
C PRO A 290 -3.70 34.59 -2.80
N ASP A 291 -4.89 35.08 -3.13
CA ASP A 291 -6.11 34.73 -2.41
C ASP A 291 -6.51 33.30 -2.73
N GLU A 292 -5.92 32.75 -3.78
CA GLU A 292 -6.26 31.41 -4.23
C GLU A 292 -5.02 30.64 -4.70
N LEU A 293 -3.86 31.00 -4.16
CA LEU A 293 -2.60 30.37 -4.56
C LEU A 293 -1.45 30.67 -3.60
N PRO A 294 -0.77 29.63 -3.12
CA PRO A 294 0.49 29.75 -2.36
C PRO A 294 1.63 29.86 -3.35
N GLU A 295 2.78 30.38 -2.93
CA GLU A 295 3.90 30.48 -3.88
C GLU A 295 4.33 29.07 -4.30
N VAL A 296 4.11 28.78 -5.58
CA VAL A 296 4.56 27.55 -6.22
C VAL A 296 6.11 27.44 -6.28
N ASP A 297 6.59 26.47 -7.03
CA ASP A 297 7.99 26.40 -7.39
C ASP A 297 8.10 26.03 -8.88
N ASN A 298 7.14 25.23 -9.34
CA ASN A 298 7.13 24.61 -10.68
C ASN A 298 5.84 23.78 -10.77
N LEU A 299 4.91 24.28 -11.59
CA LEU A 299 3.60 23.67 -11.76
C LEU A 299 3.35 23.09 -13.15
N THR A 300 3.33 21.76 -13.20
CA THR A 300 2.97 21.04 -14.42
C THR A 300 1.47 21.10 -14.61
N LEU A 301 1.05 21.58 -15.78
CA LEU A 301 -0.36 21.78 -16.06
C LEU A 301 -0.62 21.48 -17.53
N ASP A 302 -1.24 20.34 -17.81
CA ASP A 302 -1.44 19.91 -19.19
C ASP A 302 -2.91 19.67 -19.54
N GLY A 303 -3.74 19.45 -18.51
CA GLY A 303 -5.17 19.34 -18.70
C GLY A 303 -5.80 20.71 -18.52
N ASN A 304 -6.80 20.80 -17.64
CA ASN A 304 -7.39 22.08 -17.25
C ASN A 304 -8.19 22.76 -18.38
N PRO A 305 -9.11 23.67 -18.01
CA PRO A 305 -9.90 24.31 -19.06
C PRO A 305 -9.23 25.57 -19.53
N PHE A 306 -7.90 25.57 -19.55
CA PHE A 306 -7.14 26.70 -20.02
C PHE A 306 -6.63 26.30 -21.38
N LEU A 307 -6.31 25.02 -21.48
CA LEU A 307 -5.88 24.42 -22.72
C LEU A 307 -7.14 23.77 -23.32
N VAL A 308 -8.15 24.61 -23.55
CA VAL A 308 -9.46 24.17 -24.01
C VAL A 308 -9.82 24.46 -25.50
N PRO A 309 -9.59 25.70 -26.00
CA PRO A 309 -10.07 26.05 -27.35
C PRO A 309 -9.77 25.02 -28.44
N GLY A 310 -10.74 24.81 -29.32
CA GLY A 310 -10.58 23.86 -30.40
C GLY A 310 -11.85 23.71 -31.23
#